data_6ZX2
#
_entry.id   6ZX2
#
_cell.length_a   77.740
_cell.length_b   116.300
_cell.length_c   62.170
_cell.angle_alpha   90.000
_cell.angle_beta   90.000
_cell.angle_gamma   90.000
#
_symmetry.space_group_name_H-M   'C 2 2 21'
#
loop_
_entity.id
_entity.type
_entity.pdbx_description
1 polymer "Uridine 5'-monophosphate synthase"
2 non-polymer '[(2~{R},3~{S},4~{R},5~{R})-5-[6-aminocarbonyl-2,4-bis(oxidanylidene)pyrimidin-1-yl]-3,4-bis(oxidanyl)oxolan-2-yl]methyl dihydrogen phosphate'
3 non-polymer PROLINE
4 non-polymer 'SULFATE ION'
5 water water
#
_entity_poly.entity_id   1
_entity_poly.type   'polypeptide(L)'
_entity_poly.pdbx_seq_one_letter_code
;GAMELSFGARAELPRIHPVASKLLRLMQKKETNLCLSADVSLARELLQLADALGPSICMLKTHVDILNDFTLDVMKELIT
LAKCHEFLIFEDRKFADIGNTVKKQYEGGIFKIASWADLVNAHVVPGSGVVKGLQEVGLPLHRGCLLIAEMSSTGSLATG
DYTRAAVRMAEEHSEFVVGFISGSRVSMKPEFLHLTPGVQLEAGGDNLGQQYNSPQEVIGKRGSDIIIVGRGIISAADRL
EAAEMYRKAAWEAYLSRLGV
;
_entity_poly.pdbx_strand_id   A
#
loop_
_chem_comp.id
_chem_comp.type
_chem_comp.name
_chem_comp.formula
QRT non-polymer '[(2~{R},3~{S},4~{R},5~{R})-5-[6-aminocarbonyl-2,4-bis(oxidanylidene)pyrimidin-1-yl]-3,4-bis(oxidanyl)oxolan-2-yl]methyl dihydrogen phosphate' 'C10 H14 N3 O10 P'
SO4 non-polymer 'SULFATE ION' 'O4 S -2'
#
# COMPACT_ATOMS: atom_id res chain seq x y z
N GLU A 4 -10.55 -19.69 5.62
N GLU A 4 -10.46 -19.57 5.91
CA GLU A 4 -10.14 -18.40 4.96
CA GLU A 4 -10.15 -18.44 4.98
C GLU A 4 -11.33 -17.76 4.23
C GLU A 4 -11.46 -17.82 4.46
N LEU A 5 -11.55 -16.50 4.51
CA LEU A 5 -12.67 -15.71 3.99
C LEU A 5 -12.24 -14.97 2.73
N SER A 6 -13.19 -14.80 1.85
CA SER A 6 -13.04 -13.92 0.68
C SER A 6 -12.73 -12.48 1.10
N PHE A 7 -12.22 -11.69 0.19
CA PHE A 7 -12.03 -10.25 0.46
C PHE A 7 -13.38 -9.60 0.83
N GLY A 8 -14.45 -9.96 0.13
CA GLY A 8 -15.78 -9.36 0.42
C GLY A 8 -16.25 -9.70 1.82
N ALA A 9 -16.01 -10.91 2.30
CA ALA A 9 -16.42 -11.30 3.66
C ALA A 9 -15.48 -10.63 4.67
N ARG A 10 -14.19 -10.54 4.38
CA ARG A 10 -13.26 -9.85 5.31
C ARG A 10 -13.71 -8.40 5.49
N ALA A 11 -14.25 -7.78 4.44
CA ALA A 11 -14.73 -6.38 4.49
C ALA A 11 -15.80 -6.20 5.56
N GLU A 12 -16.48 -7.28 5.96
N GLU A 12 -16.47 -7.29 5.97
CA GLU A 12 -17.59 -7.20 6.92
CA GLU A 12 -17.59 -7.22 6.93
C GLU A 12 -17.16 -7.64 8.33
C GLU A 12 -17.16 -7.67 8.33
N LEU A 13 -15.90 -8.03 8.57
CA LEU A 13 -15.51 -8.54 9.89
C LEU A 13 -15.79 -7.51 10.98
N PRO A 14 -16.21 -7.95 12.17
CA PRO A 14 -16.53 -7.02 13.25
C PRO A 14 -15.48 -5.95 13.55
N ARG A 15 -14.22 -6.35 13.55
CA ARG A 15 -13.10 -5.46 13.96
C ARG A 15 -12.47 -4.77 12.74
N ILE A 16 -13.07 -4.88 11.57
CA ILE A 16 -12.47 -4.28 10.36
C ILE A 16 -12.40 -2.76 10.53
N HIS A 17 -11.32 -2.18 10.05
CA HIS A 17 -11.20 -0.72 9.96
C HIS A 17 -11.98 -0.24 8.75
N PRO A 18 -12.67 0.92 8.81
CA PRO A 18 -13.42 1.39 7.65
C PRO A 18 -12.61 1.53 6.35
N VAL A 19 -11.35 1.92 6.44
CA VAL A 19 -10.52 2.07 5.23
C VAL A 19 -10.24 0.68 4.67
N ALA A 20 -9.92 -0.28 5.53
CA ALA A 20 -9.70 -1.68 5.10
C ALA A 20 -10.99 -2.21 4.46
N SER A 21 -12.13 -1.92 5.06
N SER A 21 -12.14 -1.91 5.07
CA SER A 21 -13.42 -2.41 4.52
CA SER A 21 -13.44 -2.41 4.53
C SER A 21 -13.65 -1.84 3.13
C SER A 21 -13.70 -1.83 3.13
N LYS A 22 -13.47 -0.54 2.94
CA LYS A 22 -13.67 0.10 1.62
C LYS A 22 -12.74 -0.59 0.60
N LEU A 23 -11.49 -0.80 0.96
CA LEU A 23 -10.50 -1.42 0.06
C LEU A 23 -10.95 -2.85 -0.30
N LEU A 24 -11.24 -3.67 0.70
CA LEU A 24 -11.62 -5.07 0.45
C LEU A 24 -12.87 -5.15 -0.42
N ARG A 25 -13.82 -4.25 -0.21
N ARG A 25 -13.81 -4.23 -0.22
CA ARG A 25 -15.07 -4.26 -1.02
CA ARG A 25 -15.07 -4.24 -1.02
C ARG A 25 -14.74 -3.94 -2.49
C ARG A 25 -14.77 -3.91 -2.49
N LEU A 26 -13.87 -2.97 -2.75
CA LEU A 26 -13.58 -2.61 -4.17
C LEU A 26 -12.66 -3.67 -4.79
N MET A 27 -11.82 -4.32 -4.00
CA MET A 27 -11.00 -5.44 -4.50
C MET A 27 -11.94 -6.53 -5.03
N GLN A 28 -12.91 -6.93 -4.21
CA GLN A 28 -13.89 -7.97 -4.60
C GLN A 28 -14.70 -7.51 -5.83
N LYS A 29 -15.20 -6.29 -5.82
CA LYS A 29 -16.05 -5.77 -6.90
C LYS A 29 -15.30 -5.77 -8.24
N LYS A 30 -14.07 -5.32 -8.23
CA LYS A 30 -13.29 -5.10 -9.47
C LYS A 30 -12.41 -6.30 -9.82
N GLU A 31 -12.34 -7.32 -8.96
N GLU A 31 -12.35 -7.33 -8.96
CA GLU A 31 -11.43 -8.48 -9.16
CA GLU A 31 -11.48 -8.52 -9.12
C GLU A 31 -10.02 -7.96 -9.37
C GLU A 31 -10.02 -8.07 -9.28
N THR A 32 -9.59 -7.15 -8.45
CA THR A 32 -8.17 -6.70 -8.43
C THR A 32 -7.58 -6.62 -7.01
N ASN A 33 -6.40 -7.18 -6.88
CA ASN A 33 -5.54 -7.10 -5.68
C ASN A 33 -4.16 -6.57 -6.10
N LEU A 34 -4.16 -5.67 -7.09
CA LEU A 34 -2.94 -5.03 -7.59
C LEU A 34 -2.90 -3.59 -7.09
N CYS A 35 -1.76 -3.23 -6.50
CA CYS A 35 -1.40 -1.84 -6.19
C CYS A 35 -0.32 -1.38 -7.15
N LEU A 36 -0.61 -0.34 -7.93
CA LEU A 36 0.38 0.25 -8.84
C LEU A 36 1.33 1.12 -8.00
N SER A 37 2.62 0.90 -8.13
CA SER A 37 3.65 1.78 -7.55
C SER A 37 4.03 2.80 -8.61
N ALA A 38 3.46 4.00 -8.55
CA ALA A 38 3.56 5.03 -9.60
C ALA A 38 4.82 5.86 -9.32
N ASP A 39 5.98 5.25 -9.51
CA ASP A 39 7.28 5.88 -9.19
C ASP A 39 7.72 6.70 -10.39
N VAL A 40 7.06 7.81 -10.63
CA VAL A 40 7.28 8.71 -11.78
C VAL A 40 7.59 10.12 -11.26
N SER A 41 8.20 10.93 -12.11
N SER A 41 8.20 10.92 -12.12
CA SER A 41 8.63 12.29 -11.72
CA SER A 41 8.68 12.29 -11.81
C SER A 41 7.69 13.38 -12.25
C SER A 41 7.69 13.35 -12.33
N LEU A 42 6.79 13.04 -13.20
N LEU A 42 6.76 13.00 -13.23
CA LEU A 42 5.90 14.03 -13.85
CA LEU A 42 5.92 14.03 -13.90
C LEU A 42 4.46 13.80 -13.42
C LEU A 42 4.45 13.83 -13.50
N ALA A 43 3.83 14.87 -12.95
CA ALA A 43 2.40 14.85 -12.60
C ALA A 43 1.58 14.34 -13.78
N ARG A 44 1.87 14.76 -15.01
CA ARG A 44 1.02 14.34 -16.15
C ARG A 44 1.11 12.83 -16.29
N GLU A 45 2.29 12.25 -16.13
CA GLU A 45 2.43 10.78 -16.27
C GLU A 45 1.70 10.08 -15.11
N LEU A 46 1.80 10.60 -13.90
CA LEU A 46 1.08 10.02 -12.75
C LEU A 46 -0.42 9.99 -13.02
N LEU A 47 -0.95 11.12 -13.50
CA LEU A 47 -2.41 11.20 -13.71
C LEU A 47 -2.84 10.36 -14.91
N GLN A 48 -2.02 10.30 -15.97
CA GLN A 48 -2.39 9.48 -17.14
C GLN A 48 -2.36 8.00 -16.75
N LEU A 49 -1.40 7.60 -15.95
CA LEU A 49 -1.37 6.20 -15.44
C LEU A 49 -2.58 5.94 -14.55
N ALA A 50 -2.88 6.86 -13.62
CA ALA A 50 -4.01 6.68 -12.71
C ALA A 50 -5.31 6.51 -13.50
N ASP A 51 -5.51 7.32 -14.54
CA ASP A 51 -6.77 7.27 -15.33
C ASP A 51 -6.84 5.96 -16.12
N ALA A 52 -5.77 5.59 -16.81
CA ALA A 52 -5.81 4.41 -17.70
C ALA A 52 -5.83 3.11 -16.90
N LEU A 53 -5.07 3.06 -15.81
CA LEU A 53 -4.89 1.82 -15.02
C LEU A 53 -5.89 1.75 -13.87
N GLY A 54 -6.58 2.85 -13.58
CA GLY A 54 -7.50 2.93 -12.43
C GLY A 54 -8.44 1.72 -12.37
N PRO A 55 -9.10 1.31 -13.48
CA PRO A 55 -9.99 0.16 -13.44
C PRO A 55 -9.33 -1.16 -13.05
N SER A 56 -8.02 -1.26 -13.27
CA SER A 56 -7.23 -2.50 -13.06
C SER A 56 -6.67 -2.61 -11.65
N ILE A 57 -6.72 -1.55 -10.84
CA ILE A 57 -5.96 -1.50 -9.57
C ILE A 57 -6.93 -1.30 -8.40
N CYS A 58 -6.51 -1.81 -7.24
CA CYS A 58 -7.24 -1.51 -5.99
C CYS A 58 -6.63 -0.31 -5.27
N MET A 59 -5.45 0.13 -5.69
CA MET A 59 -4.66 1.11 -4.92
C MET A 59 -3.60 1.65 -5.84
N LEU A 60 -3.26 2.91 -5.60
N LEU A 60 -3.27 2.91 -5.61
CA LEU A 60 -2.14 3.59 -6.31
CA LEU A 60 -2.17 3.61 -6.31
C LEU A 60 -1.22 4.10 -5.20
C LEU A 60 -1.24 4.11 -5.21
N LYS A 61 0.02 3.60 -5.20
N LYS A 61 -0.01 3.62 -5.22
CA LYS A 61 1.05 3.99 -4.23
CA LYS A 61 1.00 4.01 -4.23
C LYS A 61 1.84 5.15 -4.83
C LYS A 61 1.85 5.13 -4.81
N THR A 62 1.93 6.23 -4.07
CA THR A 62 2.63 7.43 -4.50
C THR A 62 3.91 7.62 -3.69
N HIS A 63 4.87 8.26 -4.33
N HIS A 63 4.88 8.31 -4.27
CA HIS A 63 6.05 8.90 -3.72
CA HIS A 63 5.98 8.97 -3.54
C HIS A 63 5.96 10.36 -4.13
C HIS A 63 5.97 10.44 -3.99
N VAL A 64 5.22 11.13 -3.33
N VAL A 64 5.14 11.28 -3.40
CA VAL A 64 4.93 12.56 -3.64
CA VAL A 64 5.00 12.65 -3.96
C VAL A 64 6.24 13.36 -3.74
C VAL A 64 6.34 13.40 -3.85
N ASP A 65 7.25 12.95 -2.99
CA ASP A 65 8.55 13.66 -2.90
C ASP A 65 9.45 13.43 -4.11
N ILE A 66 9.07 12.59 -5.07
N ILE A 66 9.05 12.57 -5.03
CA ILE A 66 9.87 12.50 -6.32
CA ILE A 66 9.79 12.30 -6.30
C ILE A 66 9.13 13.16 -7.48
C ILE A 66 9.21 13.18 -7.43
N LEU A 67 7.95 13.71 -7.26
N LEU A 67 7.97 13.66 -7.28
CA LEU A 67 7.31 14.51 -8.31
CA LEU A 67 7.28 14.48 -8.30
C LEU A 67 8.03 15.83 -8.47
C LEU A 67 8.02 15.81 -8.47
N ASN A 68 8.48 16.13 -9.67
CA ASN A 68 9.18 17.40 -9.92
C ASN A 68 8.20 18.56 -9.84
N ASP A 69 6.92 18.31 -10.15
CA ASP A 69 5.89 19.37 -10.30
C ASP A 69 4.72 19.07 -9.36
N PHE A 70 5.01 18.55 -8.17
CA PHE A 70 3.98 18.44 -7.12
C PHE A 70 3.30 19.78 -6.90
N THR A 71 1.99 19.75 -6.81
CA THR A 71 1.15 20.76 -6.16
C THR A 71 -0.04 20.05 -5.51
N LEU A 72 -0.72 20.73 -4.61
CA LEU A 72 -1.96 20.14 -4.02
C LEU A 72 -3.03 19.97 -5.11
N ASP A 73 -3.01 20.78 -6.17
N ASP A 73 -2.97 20.78 -6.18
CA ASP A 73 -3.99 20.62 -7.26
CA ASP A 73 -3.96 20.63 -7.26
C ASP A 73 -3.75 19.28 -7.97
C ASP A 73 -3.76 19.26 -7.92
N VAL A 74 -2.51 18.83 -8.10
CA VAL A 74 -2.25 17.49 -8.70
C VAL A 74 -2.97 16.45 -7.85
N MET A 75 -2.94 16.60 -6.54
N MET A 75 -2.89 16.57 -6.52
CA MET A 75 -3.51 15.56 -5.66
CA MET A 75 -3.51 15.61 -5.59
C MET A 75 -5.04 15.65 -5.71
C MET A 75 -5.03 15.65 -5.75
N LYS A 76 -5.60 16.84 -5.93
CA LYS A 76 -7.06 16.99 -6.16
C LYS A 76 -7.44 16.20 -7.42
N GLU A 77 -6.65 16.33 -8.49
CA GLU A 77 -6.95 15.61 -9.75
C GLU A 77 -6.81 14.10 -9.53
N LEU A 78 -5.83 13.68 -8.74
CA LEU A 78 -5.63 12.25 -8.41
C LEU A 78 -6.84 11.73 -7.63
N ILE A 79 -7.32 12.49 -6.66
CA ILE A 79 -8.51 12.06 -5.89
C ILE A 79 -9.70 11.90 -6.83
N THR A 80 -9.89 12.82 -7.78
CA THR A 80 -11.01 12.69 -8.73
C THR A 80 -10.92 11.34 -9.43
N LEU A 81 -9.73 10.96 -9.87
CA LEU A 81 -9.54 9.67 -10.57
C LEU A 81 -9.74 8.48 -9.63
N ALA A 82 -9.28 8.58 -8.39
CA ALA A 82 -9.44 7.51 -7.39
C ALA A 82 -10.93 7.27 -7.13
N LYS A 83 -11.71 8.36 -7.04
CA LYS A 83 -13.17 8.25 -6.80
C LYS A 83 -13.84 7.67 -8.04
N CYS A 84 -13.47 8.15 -9.24
CA CYS A 84 -14.10 7.70 -10.50
C CYS A 84 -13.86 6.20 -10.69
N HIS A 85 -12.60 5.77 -10.54
CA HIS A 85 -12.22 4.39 -10.87
C HIS A 85 -12.28 3.45 -9.67
N GLU A 86 -12.43 4.00 -8.46
CA GLU A 86 -12.54 3.25 -7.18
C GLU A 86 -11.20 2.58 -6.87
N PHE A 87 -10.25 3.38 -6.42
CA PHE A 87 -9.02 2.83 -5.82
C PHE A 87 -8.60 3.75 -4.67
N LEU A 88 -7.83 3.21 -3.74
CA LEU A 88 -7.27 4.03 -2.65
C LEU A 88 -5.94 4.65 -3.05
N ILE A 89 -5.63 5.76 -2.40
CA ILE A 89 -4.31 6.45 -2.56
C ILE A 89 -3.47 6.15 -1.33
N PHE A 90 -2.29 5.57 -1.56
CA PHE A 90 -1.37 5.18 -0.47
C PHE A 90 -0.07 5.96 -0.71
N GLU A 91 0.23 6.89 0.19
CA GLU A 91 1.50 7.63 0.09
C GLU A 91 2.52 6.83 0.90
N ASP A 92 3.57 6.40 0.21
CA ASP A 92 4.64 5.53 0.78
C ASP A 92 5.67 6.43 1.47
N ARG A 93 5.23 7.09 2.53
CA ARG A 93 6.05 8.12 3.22
C ARG A 93 7.06 7.47 4.15
N LYS A 94 6.83 6.26 4.65
N LYS A 94 6.81 6.25 4.62
CA LYS A 94 7.81 5.60 5.54
CA LYS A 94 7.75 5.54 5.53
C LYS A 94 8.11 6.51 6.74
C LYS A 94 8.10 6.42 6.73
N PHE A 95 7.08 6.97 7.41
CA PHE A 95 7.30 7.71 8.66
C PHE A 95 8.14 6.83 9.58
N ALA A 96 9.13 7.44 10.26
CA ALA A 96 10.15 6.59 10.91
C ALA A 96 10.89 7.38 11.99
N ASP A 97 10.15 8.09 12.82
N ASP A 97 10.15 8.21 12.72
CA ASP A 97 10.80 8.78 13.96
CA ASP A 97 10.67 9.17 13.73
C ASP A 97 9.82 8.90 15.10
C ASP A 97 9.82 9.00 15.00
N ILE A 98 10.22 9.66 16.08
CA ILE A 98 9.43 9.84 17.31
C ILE A 98 8.07 10.42 16.92
N GLY A 99 7.10 10.13 17.77
CA GLY A 99 5.73 10.56 17.50
C GLY A 99 5.55 12.05 17.29
N ASN A 100 6.29 12.87 18.06
CA ASN A 100 6.10 14.33 17.95
C ASN A 100 6.49 14.80 16.55
N THR A 101 7.53 14.20 15.98
CA THR A 101 8.02 14.60 14.63
C THR A 101 7.03 14.10 13.56
N VAL A 102 6.68 12.82 13.60
CA VAL A 102 5.88 12.27 12.48
C VAL A 102 4.49 12.90 12.43
N LYS A 103 3.96 13.30 13.57
N LYS A 103 3.92 13.33 13.55
CA LYS A 103 2.66 14.02 13.66
CA LYS A 103 2.59 13.98 13.48
C LYS A 103 2.69 15.24 12.73
C LYS A 103 2.68 15.26 12.65
N LYS A 104 3.76 16.01 12.81
CA LYS A 104 3.93 17.25 12.01
C LYS A 104 4.15 16.91 10.54
N GLN A 105 4.94 15.87 10.29
CA GLN A 105 5.27 15.44 8.89
C GLN A 105 4.00 14.94 8.18
N TYR A 106 3.07 14.37 8.91
CA TYR A 106 1.85 13.79 8.34
C TYR A 106 0.82 14.88 8.01
N GLU A 107 0.66 15.82 8.91
CA GLU A 107 -0.36 16.86 8.69
C GLU A 107 0.15 18.03 7.85
N GLY A 108 1.41 18.40 8.04
CA GLY A 108 1.80 19.75 7.61
C GLY A 108 2.74 19.79 6.46
N GLY A 109 3.52 20.89 6.45
CA GLY A 109 4.46 21.04 5.35
C GLY A 109 3.78 21.32 4.02
N ILE A 110 4.55 21.24 2.96
N ILE A 110 4.56 21.23 2.97
CA ILE A 110 3.97 21.55 1.63
CA ILE A 110 4.01 21.54 1.63
C ILE A 110 3.12 20.38 1.14
C ILE A 110 3.14 20.37 1.11
N PHE A 111 3.39 19.15 1.58
CA PHE A 111 2.60 18.01 1.03
C PHE A 111 1.21 17.86 1.62
N LYS A 112 1.01 18.21 2.89
CA LYS A 112 -0.31 18.01 3.59
C LYS A 112 -0.81 16.58 3.33
N ILE A 113 0.03 15.60 3.59
CA ILE A 113 -0.25 14.18 3.20
C ILE A 113 -1.58 13.70 3.76
N ALA A 114 -1.88 13.98 5.02
CA ALA A 114 -3.14 13.48 5.62
C ALA A 114 -4.35 14.07 4.87
N SER A 115 -4.28 15.13 4.19
N SER A 115 -4.28 15.13 4.19
CA SER A 115 -5.44 15.74 3.49
CA SER A 115 -5.43 15.75 3.51
C SER A 115 -5.87 14.92 2.26
C SER A 115 -5.87 14.93 2.28
N TRP A 116 -4.98 14.11 1.69
CA TRP A 116 -5.31 13.39 0.42
C TRP A 116 -4.98 11.90 0.47
N ALA A 117 -4.15 11.41 1.38
CA ALA A 117 -3.76 9.99 1.38
C ALA A 117 -4.71 9.16 2.23
N ASP A 118 -5.38 8.19 1.63
CA ASP A 118 -6.20 7.23 2.39
C ASP A 118 -5.32 6.44 3.35
N LEU A 119 -4.17 6.02 2.86
CA LEU A 119 -3.22 5.17 3.60
C LEU A 119 -1.84 5.83 3.57
N VAL A 120 -1.13 5.66 4.66
CA VAL A 120 0.34 5.90 4.76
C VAL A 120 0.96 4.68 5.39
N ASN A 121 2.28 4.68 5.45
CA ASN A 121 2.99 3.60 6.15
C ASN A 121 4.05 4.18 7.07
N ALA A 122 4.50 3.31 7.94
CA ALA A 122 5.51 3.66 8.96
C ALA A 122 6.44 2.48 9.19
N HIS A 123 7.69 2.80 9.45
CA HIS A 123 8.64 1.84 10.03
C HIS A 123 8.40 1.75 11.53
N VAL A 124 8.64 0.57 12.08
CA VAL A 124 8.34 0.31 13.50
C VAL A 124 9.57 0.54 14.40
N VAL A 125 10.73 0.76 13.80
CA VAL A 125 11.99 0.91 14.56
C VAL A 125 11.92 1.92 15.70
N PRO A 126 11.18 3.05 15.63
CA PRO A 126 11.16 3.97 16.77
C PRO A 126 10.38 3.50 17.99
N GLY A 127 9.67 2.39 17.86
CA GLY A 127 8.70 1.95 18.86
C GLY A 127 7.34 2.56 18.59
N SER A 128 6.36 2.26 19.44
CA SER A 128 4.94 2.54 19.12
C SER A 128 4.60 4.02 19.11
N GLY A 129 5.46 4.90 19.62
CA GLY A 129 5.19 6.33 19.49
C GLY A 129 5.04 6.78 18.05
N VAL A 130 5.67 6.07 17.12
CA VAL A 130 5.51 6.47 15.67
C VAL A 130 4.01 6.33 15.32
N VAL A 131 3.37 5.26 15.76
CA VAL A 131 1.92 5.02 15.49
C VAL A 131 1.07 6.02 16.28
N LYS A 132 1.43 6.24 17.54
CA LYS A 132 0.61 7.17 18.38
C LYS A 132 0.65 8.58 17.81
N GLY A 133 1.82 9.02 17.35
CA GLY A 133 1.90 10.35 16.75
C GLY A 133 1.09 10.46 15.49
N LEU A 134 1.22 9.48 14.59
CA LEU A 134 0.44 9.52 13.33
C LEU A 134 -1.07 9.48 13.63
N GLN A 135 -1.46 8.66 14.59
N GLN A 135 -1.48 8.62 14.56
CA GLN A 135 -2.90 8.42 14.88
CA GLN A 135 -2.91 8.44 14.96
C GLN A 135 -3.52 9.74 15.37
C GLN A 135 -3.53 9.79 15.31
N GLU A 136 -2.77 10.64 16.00
CA GLU A 136 -3.34 11.91 16.50
CA GLU A 136 -3.26 11.95 16.49
C GLU A 136 -3.87 12.73 15.34
N VAL A 137 -3.26 12.61 14.16
CA VAL A 137 -3.71 13.33 12.93
C VAL A 137 -4.66 12.41 12.13
N GLY A 138 -4.26 11.15 11.95
CA GLY A 138 -5.01 10.20 11.10
C GLY A 138 -6.39 9.77 11.57
N LEU A 139 -6.54 9.51 12.88
N LEU A 139 -6.55 9.52 12.87
CA LEU A 139 -7.85 9.04 13.40
CA LEU A 139 -7.85 9.05 13.41
C LEU A 139 -8.96 10.09 13.20
C LEU A 139 -8.96 10.09 13.20
N PRO A 140 -8.70 11.39 13.43
CA PRO A 140 -9.76 12.38 13.23
C PRO A 140 -10.13 12.50 11.74
N LEU A 141 -9.16 12.24 10.86
CA LEU A 141 -9.35 12.29 9.39
C LEU A 141 -9.76 10.93 8.80
N HIS A 142 -10.03 9.92 9.65
CA HIS A 142 -10.59 8.62 9.20
C HIS A 142 -9.58 7.92 8.26
N ARG A 143 -8.30 8.07 8.51
CA ARG A 143 -7.24 7.49 7.65
C ARG A 143 -6.79 6.16 8.25
N GLY A 144 -5.99 5.43 7.47
CA GLY A 144 -5.37 4.21 7.96
C GLY A 144 -3.86 4.22 7.73
N CYS A 145 -3.20 3.29 8.39
CA CYS A 145 -1.73 3.15 8.35
C CYS A 145 -1.34 1.70 8.16
N LEU A 146 -0.25 1.49 7.43
CA LEU A 146 0.38 0.17 7.25
C LEU A 146 1.74 0.18 7.96
N LEU A 147 2.09 -0.90 8.63
CA LEU A 147 3.40 -1.01 9.27
C LEU A 147 4.31 -1.90 8.45
N ILE A 148 5.56 -1.49 8.34
CA ILE A 148 6.56 -2.22 7.54
C ILE A 148 7.13 -3.34 8.41
N ALA A 149 6.64 -4.56 8.19
CA ALA A 149 7.01 -5.72 9.02
C ALA A 149 8.15 -6.49 8.38
N GLU A 150 8.27 -6.49 7.04
CA GLU A 150 9.34 -7.17 6.29
C GLU A 150 9.66 -6.28 5.11
N MET A 151 10.88 -6.39 4.58
CA MET A 151 11.29 -5.66 3.37
C MET A 151 11.83 -6.64 2.34
N SER A 152 11.77 -6.21 1.09
CA SER A 152 12.07 -7.08 -0.07
C SER A 152 13.58 -7.10 -0.39
N SER A 153 14.35 -6.18 0.15
CA SER A 153 15.71 -5.90 -0.31
C SER A 153 16.76 -6.75 0.42
N THR A 154 17.88 -6.93 -0.26
N THR A 154 17.88 -6.97 -0.26
CA THR A 154 19.00 -7.73 0.25
CA THR A 154 19.02 -7.79 0.25
C THR A 154 19.55 -7.11 1.52
C THR A 154 19.57 -7.14 1.51
N GLY A 155 19.66 -7.91 2.58
CA GLY A 155 20.19 -7.42 3.86
C GLY A 155 19.11 -6.82 4.75
N SER A 156 17.84 -6.90 4.38
CA SER A 156 16.75 -6.41 5.24
C SER A 156 16.95 -6.90 6.67
N LEU A 157 16.79 -5.99 7.63
CA LEU A 157 16.85 -6.32 9.09
C LEU A 157 15.43 -6.49 9.63
N ALA A 158 14.41 -6.41 8.79
CA ALA A 158 13.01 -6.56 9.23
C ALA A 158 12.66 -8.04 9.22
N THR A 159 13.24 -8.77 10.17
CA THR A 159 13.13 -10.23 10.28
C THR A 159 12.91 -10.61 11.74
N GLY A 160 12.54 -11.85 11.99
CA GLY A 160 12.54 -12.40 13.35
C GLY A 160 11.77 -11.53 14.34
N ASP A 161 12.42 -11.15 15.44
CA ASP A 161 11.76 -10.39 16.53
C ASP A 161 11.31 -9.02 16.03
N TYR A 162 11.95 -8.46 15.02
CA TYR A 162 11.55 -7.15 14.47
C TYR A 162 10.16 -7.28 13.86
N THR A 163 10.00 -8.29 13.02
CA THR A 163 8.70 -8.60 12.38
C THR A 163 7.64 -8.86 13.44
N ARG A 164 7.98 -9.65 14.46
CA ARG A 164 7.01 -9.93 15.54
C ARG A 164 6.60 -8.63 16.24
N ALA A 165 7.54 -7.72 16.44
CA ALA A 165 7.23 -6.42 17.09
C ALA A 165 6.30 -5.60 16.20
N ALA A 166 6.47 -5.63 14.90
CA ALA A 166 5.58 -4.91 13.98
C ALA A 166 4.15 -5.48 14.08
N VAL A 167 4.04 -6.80 14.11
CA VAL A 167 2.70 -7.43 14.18
C VAL A 167 2.03 -7.04 15.49
N ARG A 168 2.76 -7.10 16.62
CA ARG A 168 2.17 -6.73 17.91
C ARG A 168 1.74 -5.27 17.87
N MET A 169 2.58 -4.38 17.35
CA MET A 169 2.26 -2.95 17.32
C MET A 169 0.98 -2.72 16.51
N ALA A 170 0.82 -3.43 15.40
CA ALA A 170 -0.39 -3.31 14.57
C ALA A 170 -1.61 -3.79 15.34
N GLU A 171 -1.49 -4.96 15.94
CA GLU A 171 -2.65 -5.63 16.56
C GLU A 171 -3.08 -4.80 17.77
N GLU A 172 -2.14 -4.07 18.42
CA GLU A 172 -2.43 -3.22 19.60
C GLU A 172 -2.91 -1.82 19.22
N HIS A 173 -2.91 -1.48 17.94
CA HIS A 173 -3.34 -0.15 17.43
C HIS A 173 -4.29 -0.32 16.25
N SER A 174 -5.24 -1.24 16.40
CA SER A 174 -6.15 -1.65 15.31
C SER A 174 -7.16 -0.54 14.95
N GLU A 175 -7.28 0.49 15.79
N GLU A 175 -7.30 0.52 15.75
CA GLU A 175 -8.13 1.68 15.50
CA GLU A 175 -8.22 1.62 15.38
C GLU A 175 -7.59 2.42 14.28
C GLU A 175 -7.58 2.46 14.27
N PHE A 176 -6.29 2.28 14.00
CA PHE A 176 -5.60 3.10 12.98
C PHE A 176 -4.76 2.25 12.01
N VAL A 177 -4.12 1.21 12.51
CA VAL A 177 -3.27 0.34 11.69
C VAL A 177 -4.16 -0.71 11.03
N VAL A 178 -4.10 -0.80 9.71
CA VAL A 178 -5.00 -1.67 8.93
C VAL A 178 -4.23 -2.82 8.28
N GLY A 179 -2.92 -2.82 8.38
CA GLY A 179 -2.18 -3.90 7.74
C GLY A 179 -0.71 -3.61 7.70
N PHE A 180 -0.06 -4.31 6.79
CA PHE A 180 1.41 -4.40 6.71
C PHE A 180 1.89 -4.21 5.29
N ILE A 181 3.12 -3.70 5.23
CA ILE A 181 4.04 -4.01 4.12
C ILE A 181 4.82 -5.23 4.59
N SER A 182 4.75 -6.31 3.83
CA SER A 182 5.42 -7.56 4.23
C SER A 182 5.65 -8.42 2.99
N GLY A 183 6.43 -9.47 3.14
CA GLY A 183 6.67 -10.39 2.02
C GLY A 183 5.73 -11.57 2.03
N SER A 184 4.90 -11.66 3.05
N SER A 184 5.00 -11.75 3.13
CA SER A 184 4.12 -12.86 3.39
CA SER A 184 4.18 -12.93 3.44
C SER A 184 3.02 -12.46 4.38
C SER A 184 3.06 -12.50 4.40
N ARG A 185 2.09 -13.38 4.60
CA ARG A 185 1.18 -13.22 5.75
C ARG A 185 2.02 -13.23 7.04
N VAL A 186 1.94 -12.19 7.84
CA VAL A 186 2.63 -12.10 9.15
C VAL A 186 1.65 -12.05 10.32
N SER A 187 0.43 -11.58 10.12
CA SER A 187 -0.65 -11.63 11.15
C SER A 187 -1.61 -12.76 10.80
N MET A 188 -2.05 -13.47 11.83
CA MET A 188 -3.09 -14.51 11.70
C MET A 188 -4.49 -13.90 11.80
N LYS A 189 -4.60 -12.60 12.00
CA LYS A 189 -5.92 -11.94 12.16
C LYS A 189 -6.38 -11.44 10.79
N PRO A 190 -7.55 -11.89 10.29
CA PRO A 190 -7.93 -11.59 8.90
C PRO A 190 -8.37 -10.16 8.63
N GLU A 191 -8.51 -9.35 9.69
CA GLU A 191 -8.85 -7.92 9.57
CA GLU A 191 -8.89 -7.94 9.48
C GLU A 191 -7.68 -7.11 9.02
N PHE A 192 -6.49 -7.67 9.05
CA PHE A 192 -5.29 -6.95 8.58
C PHE A 192 -4.97 -7.30 7.13
N LEU A 193 -4.66 -6.27 6.36
N LEU A 193 -4.60 -6.26 6.38
CA LEU A 193 -4.20 -6.45 4.96
CA LEU A 193 -4.16 -6.38 4.97
C LEU A 193 -2.68 -6.71 4.93
C LEU A 193 -2.67 -6.68 4.92
N HIS A 194 -2.26 -7.54 3.99
CA HIS A 194 -0.84 -7.77 3.68
C HIS A 194 -0.56 -7.28 2.26
N LEU A 195 0.31 -6.29 2.13
CA LEU A 195 0.72 -5.73 0.83
C LEU A 195 2.18 -6.07 0.61
N THR A 196 2.50 -6.64 -0.54
CA THR A 196 3.85 -7.14 -0.82
C THR A 196 4.45 -6.48 -2.04
N PRO A 197 5.53 -5.70 -1.83
CA PRO A 197 6.36 -5.21 -2.93
C PRO A 197 7.47 -6.20 -3.25
N GLY A 198 8.30 -5.84 -4.23
CA GLY A 198 9.30 -6.79 -4.73
C GLY A 198 8.66 -7.86 -5.60
N VAL A 199 7.80 -7.43 -6.52
CA VAL A 199 7.04 -8.40 -7.36
C VAL A 199 7.26 -8.13 -8.84
N GLN A 200 7.61 -9.20 -9.58
CA GLN A 200 7.72 -9.17 -11.06
C GLN A 200 7.34 -10.56 -11.57
N LEU A 201 6.84 -10.65 -12.80
CA LEU A 201 6.51 -11.98 -13.39
C LEU A 201 7.80 -12.78 -13.58
N GLU A 202 8.88 -12.13 -13.99
CA GLU A 202 10.15 -12.83 -14.24
C GLU A 202 11.05 -12.76 -12.99
N ALA A 203 11.93 -13.76 -12.85
CA ALA A 203 12.92 -13.78 -11.76
C ALA A 203 13.92 -12.64 -11.96
N GLY A 204 14.47 -12.19 -10.85
CA GLY A 204 15.61 -11.28 -10.85
C GLY A 204 15.54 -10.25 -9.76
N GLY A 205 16.08 -9.08 -10.04
CA GLY A 205 16.28 -8.05 -9.03
C GLY A 205 16.70 -6.77 -9.73
N ASP A 206 17.23 -5.83 -8.97
CA ASP A 206 17.88 -4.66 -9.59
C ASP A 206 19.31 -4.60 -9.07
N ASN A 207 19.98 -3.51 -9.44
N ASN A 207 20.06 -3.57 -9.43
CA ASN A 207 21.41 -3.18 -9.19
CA ASN A 207 21.49 -3.49 -9.02
C ASN A 207 21.63 -2.65 -7.77
C ASN A 207 21.65 -2.67 -7.73
N LEU A 208 20.56 -2.43 -7.01
CA LEU A 208 20.61 -1.69 -5.72
C LEU A 208 19.79 -2.47 -4.69
N GLY A 209 19.89 -3.79 -4.71
CA GLY A 209 19.38 -4.65 -3.62
C GLY A 209 17.91 -5.05 -3.72
N GLN A 210 17.17 -4.61 -4.73
CA GLN A 210 15.78 -5.11 -4.88
C GLN A 210 15.84 -6.58 -5.31
N GLN A 211 14.91 -7.36 -4.79
CA GLN A 211 14.75 -8.79 -5.10
C GLN A 211 13.29 -9.02 -5.50
N TYR A 212 13.05 -9.77 -6.57
CA TYR A 212 11.67 -10.02 -7.05
C TYR A 212 11.23 -11.44 -6.78
N ASN A 213 9.95 -11.55 -6.48
CA ASN A 213 9.19 -12.82 -6.47
C ASN A 213 7.91 -12.64 -7.29
N SER A 214 7.35 -13.76 -7.73
CA SER A 214 6.18 -13.69 -8.62
C SER A 214 4.90 -13.47 -7.83
N PRO A 215 3.85 -12.98 -8.52
CA PRO A 215 2.54 -12.91 -7.88
C PRO A 215 2.05 -14.26 -7.34
N GLN A 216 2.27 -15.34 -8.10
CA GLN A 216 1.85 -16.68 -7.64
C GLN A 216 2.56 -17.02 -6.32
N GLU A 217 3.86 -16.73 -6.23
CA GLU A 217 4.63 -17.04 -5.01
C GLU A 217 4.09 -16.22 -3.84
N VAL A 218 3.93 -14.93 -4.08
N VAL A 218 3.92 -14.91 -4.00
CA VAL A 218 3.65 -13.94 -3.02
CA VAL A 218 3.68 -14.05 -2.81
C VAL A 218 2.24 -14.16 -2.46
C VAL A 218 2.19 -14.08 -2.41
N ILE A 219 1.27 -14.24 -3.36
CA ILE A 219 -0.17 -14.34 -3.01
C ILE A 219 -0.48 -15.79 -2.68
N GLY A 220 -0.08 -16.70 -3.54
CA GLY A 220 -0.48 -18.11 -3.44
C GLY A 220 0.26 -18.84 -2.34
N LYS A 221 1.58 -18.85 -2.34
CA LYS A 221 2.37 -19.66 -1.36
C LYS A 221 2.60 -18.87 -0.06
N ARG A 222 2.89 -17.58 -0.14
CA ARG A 222 3.28 -16.78 1.05
C ARG A 222 2.06 -16.13 1.70
N GLY A 223 0.89 -16.17 1.05
CA GLY A 223 -0.39 -15.81 1.69
C GLY A 223 -0.64 -14.32 1.82
N SER A 224 0.03 -13.50 1.04
N SER A 224 0.06 -13.48 1.06
CA SER A 224 -0.22 -12.05 1.04
CA SER A 224 -0.18 -12.03 1.04
C SER A 224 -1.52 -11.74 0.31
C SER A 224 -1.51 -11.73 0.34
N ASP A 225 -2.01 -10.51 0.48
CA ASP A 225 -3.29 -10.10 -0.12
C ASP A 225 -3.13 -9.33 -1.43
N ILE A 226 -2.17 -8.41 -1.46
CA ILE A 226 -2.04 -7.40 -2.53
C ILE A 226 -0.59 -7.40 -2.99
N ILE A 227 -0.38 -7.32 -4.30
CA ILE A 227 0.96 -7.10 -4.85
C ILE A 227 1.14 -5.63 -5.15
N ILE A 228 2.34 -5.12 -4.80
CA ILE A 228 2.76 -3.76 -5.18
C ILE A 228 3.79 -3.89 -6.31
N VAL A 229 3.48 -3.30 -7.45
CA VAL A 229 4.31 -3.46 -8.66
C VAL A 229 4.63 -2.08 -9.22
N GLY A 230 5.94 -1.79 -9.34
CA GLY A 230 6.40 -0.56 -9.97
C GLY A 230 6.95 -0.83 -11.35
N ARG A 231 8.25 -1.03 -11.48
CA ARG A 231 8.93 -1.12 -12.79
C ARG A 231 8.34 -2.24 -13.68
N GLY A 232 7.89 -3.36 -13.11
CA GLY A 232 7.27 -4.40 -13.95
C GLY A 232 6.15 -3.86 -14.81
N ILE A 233 5.44 -2.84 -14.33
CA ILE A 233 4.42 -2.12 -15.12
C ILE A 233 5.01 -0.87 -15.75
N ILE A 234 5.64 -0.02 -14.94
N ILE A 234 5.61 0.03 -14.98
CA ILE A 234 5.99 1.38 -15.33
CA ILE A 234 5.86 1.40 -15.53
C ILE A 234 7.00 1.41 -16.48
C ILE A 234 6.95 1.37 -16.60
N SER A 235 7.90 0.43 -16.57
CA SER A 235 8.93 0.37 -17.62
C SER A 235 8.42 -0.35 -18.87
N ALA A 236 7.28 -1.03 -18.81
CA ALA A 236 6.70 -1.70 -19.99
C ALA A 236 6.24 -0.67 -21.00
N ALA A 237 6.19 -1.06 -22.27
CA ALA A 237 5.67 -0.11 -23.27
C ALA A 237 4.18 0.12 -23.03
N ASP A 238 3.39 -0.94 -23.00
CA ASP A 238 1.93 -0.86 -22.77
C ASP A 238 1.65 -1.11 -21.31
N ARG A 239 1.57 -0.03 -20.53
CA ARG A 239 1.38 -0.12 -19.06
C ARG A 239 0.00 -0.72 -18.75
N LEU A 240 -1.00 -0.51 -19.62
CA LEU A 240 -2.33 -1.08 -19.32
C LEU A 240 -2.29 -2.59 -19.44
N GLU A 241 -1.73 -3.11 -20.52
CA GLU A 241 -1.64 -4.58 -20.67
C GLU A 241 -0.78 -5.14 -19.55
N ALA A 242 0.32 -4.48 -19.19
CA ALA A 242 1.17 -5.00 -18.10
C ALA A 242 0.34 -5.05 -16.81
N ALA A 243 -0.39 -4.00 -16.49
CA ALA A 243 -1.21 -3.97 -15.27
C ALA A 243 -2.22 -5.12 -15.30
N GLU A 244 -2.83 -5.36 -16.46
CA GLU A 244 -3.80 -6.48 -16.59
C GLU A 244 -3.13 -7.83 -16.35
N MET A 245 -1.90 -8.02 -16.84
N MET A 245 -1.90 -8.01 -16.85
CA MET A 245 -1.20 -9.29 -16.60
CA MET A 245 -1.15 -9.27 -16.62
C MET A 245 -0.97 -9.46 -15.10
C MET A 245 -0.97 -9.45 -15.11
N TYR A 246 -0.48 -8.41 -14.43
CA TYR A 246 -0.27 -8.50 -12.97
C TYR A 246 -1.57 -8.71 -12.21
N ARG A 247 -2.62 -8.00 -12.60
CA ARG A 247 -3.92 -8.16 -11.95
C ARG A 247 -4.40 -9.60 -12.07
N LYS A 248 -4.38 -10.14 -13.29
CA LYS A 248 -4.89 -11.51 -13.49
C LYS A 248 -4.05 -12.50 -12.70
N ALA A 249 -2.72 -12.28 -12.67
CA ALA A 249 -1.83 -13.19 -11.90
C ALA A 249 -2.21 -13.15 -10.41
N ALA A 250 -2.28 -11.97 -9.82
CA ALA A 250 -2.55 -11.87 -8.37
C ALA A 250 -3.96 -12.35 -8.04
N TRP A 251 -4.91 -12.08 -8.93
CA TRP A 251 -6.31 -12.43 -8.63
C TRP A 251 -6.46 -13.96 -8.65
N GLU A 252 -5.92 -14.62 -9.68
CA GLU A 252 -6.05 -16.09 -9.77
C GLU A 252 -5.29 -16.76 -8.61
N ALA A 253 -4.14 -16.22 -8.21
CA ALA A 253 -3.39 -16.81 -7.07
C ALA A 253 -4.25 -16.71 -5.81
N TYR A 254 -4.94 -15.61 -5.63
CA TYR A 254 -5.87 -15.42 -4.49
C TYR A 254 -7.02 -16.44 -4.57
N LEU A 255 -7.64 -16.57 -5.74
CA LEU A 255 -8.79 -17.50 -5.89
C LEU A 255 -8.36 -18.92 -5.59
N SER A 256 -7.18 -19.31 -6.07
N SER A 256 -7.22 -19.33 -6.13
CA SER A 256 -6.72 -20.70 -5.93
CA SER A 256 -6.73 -20.73 -5.95
C SER A 256 -6.43 -21.00 -4.45
C SER A 256 -6.42 -21.03 -4.48
N ARG A 257 -5.89 -20.03 -3.75
CA ARG A 257 -5.58 -20.20 -2.31
C ARG A 257 -6.89 -20.33 -1.54
N LEU A 258 -7.93 -19.61 -1.94
CA LEU A 258 -9.23 -19.59 -1.24
C LEU A 258 -9.95 -20.91 -1.45
N GLY A 259 -9.81 -21.51 -2.63
CA GLY A 259 -10.42 -22.81 -2.97
C GLY A 259 -11.94 -22.81 -2.82
P QRT B . 9.59 -1.91 -8.11
O1P QRT B . 9.83 -0.94 -9.26
O2P QRT B . 8.46 -2.87 -8.42
O3P QRT B . 10.85 -2.61 -7.63
O5' QRT B . 9.04 -0.91 -6.96
C5' QRT B . 8.86 -1.39 -5.64
C4' QRT B . 8.22 -0.23 -4.87
O4' QRT B . 7.83 -0.68 -3.57
C1' QRT B . 8.62 -0.03 -2.55
C4 QRT B . 9.94 -2.77 0.40
N3 QRT B . 10.29 -2.90 -0.91
C2 QRT B . 9.91 -2.06 -1.86
N1 QRT B . 9.05 -1.04 -1.55
C6 QRT B . 8.63 -0.91 -0.20
C5 QRT B . 9.08 -1.77 0.78
C2' QRT B . 9.72 0.70 -3.31
C3' QRT B . 9.12 0.96 -4.66
O3' QRT B . 8.37 2.20 -4.69
O2' QRT B . 10.05 1.94 -2.67
O4 QRT B . 10.35 -3.66 1.21
O2 QRT B . 10.22 -2.27 -3.04
C1 QRT B . 7.51 -0.02 0.10
N10 QRT B . 7.78 0.91 0.99
O11 QRT B . 6.39 -0.24 -0.39
N PRO C . -21.64 -10.19 1.61
CA PRO C . -20.71 -9.59 0.63
C PRO C . -21.34 -9.38 -0.69
O PRO C . -22.58 -9.60 -0.77
CB PRO C . -19.52 -10.54 0.48
CG PRO C . -19.62 -11.44 1.68
CD PRO C . -21.06 -11.46 2.13
OXT PRO C . -20.59 -9.00 -1.62
S SO4 D . 1.53 1.20 23.52
O1 SO4 D . 1.47 0.06 24.38
O2 SO4 D . 0.23 1.84 23.44
O3 SO4 D . 2.49 2.13 24.03
O4 SO4 D . 1.93 0.78 22.21
#